data_9GYS
#
_entry.id   9GYS
#
_cell.length_a   100.540
_cell.length_b   32.600
_cell.length_c   72.350
_cell.angle_alpha   90.000
_cell.angle_beta   90.014
_cell.angle_gamma   90.000
#
_symmetry.space_group_name_H-M   'C 1 2 1'
#
loop_
_entity.id
_entity.type
_entity.pdbx_description
1 polymer 'Ribonuclease pancreatic'
2 non-polymer 'SULFATE ION'
3 non-polymer "[Ru2-N,N'-diphenylformamidinate(O2CCH3)2(O2CO)] complex"
4 water water
#
_entity_poly.entity_id   1
_entity_poly.type   'polypeptide(L)'
_entity_poly.pdbx_seq_one_letter_code
;KETAAAKFERQHMDSSTSAASSSNYCNQMMKSRNLTKDRCKPVNTFVHESLADVQAVCSQKNVACKNGQTNCYQSYSTMS
ITDCRETGSSKYPNCAYKTTQANKHIIVACEGNPYVPVHFDASV
;
_entity_poly.pdbx_strand_id   A,B
#
loop_
_chem_comp.id
_chem_comp.type
_chem_comp.name
_chem_comp.formula
A1IQW non-polymer '[Ru2-N,N'-diphenylformamidinate(O2CCH3)2(O2CO)] complex' 'C18 H15 F2 N2 O7 Ru2'
SO4 non-polymer 'SULFATE ION' 'O4 S -2'
#
# COMPACT_ATOMS: atom_id res chain seq x y z
N LYS A 1 12.98 -2.94 23.75
CA LYS A 1 13.48 -1.58 23.41
C LYS A 1 13.32 -1.30 21.91
N GLU A 2 13.70 -2.30 21.09
CA GLU A 2 13.46 -2.32 19.65
C GLU A 2 11.98 -2.58 19.41
N THR A 3 11.29 -1.57 18.85
CA THR A 3 9.89 -1.70 18.48
C THR A 3 9.71 -2.80 17.43
N ALA A 4 8.45 -3.16 17.21
CA ALA A 4 8.12 -4.18 16.23
C ALA A 4 8.42 -3.62 14.84
N ALA A 5 8.16 -2.33 14.69
CA ALA A 5 8.39 -1.62 13.44
C ALA A 5 9.89 -1.59 13.12
N ALA A 6 10.72 -1.34 14.14
CA ALA A 6 12.17 -1.28 13.94
C ALA A 6 12.71 -2.65 13.56
N LYS A 7 12.15 -3.71 14.15
CA LYS A 7 12.57 -5.07 13.89
C LYS A 7 12.22 -5.46 12.47
N PHE A 8 11.04 -5.03 11.99
CA PHE A 8 10.68 -5.25 10.59
C PHE A 8 11.70 -4.54 9.72
N GLU A 9 12.10 -3.32 10.11
CA GLU A 9 13.06 -2.56 9.31
C GLU A 9 14.40 -3.29 9.30
N ARG A 10 14.81 -3.87 10.44
CA ARG A 10 16.09 -4.57 10.52
C ARG A 10 16.04 -5.87 9.72
N GLN A 11 14.92 -6.60 9.80
CA GLN A 11 14.87 -7.93 9.21
C GLN A 11 14.56 -7.88 7.72
N HIS A 12 13.90 -6.81 7.21
CA HIS A 12 13.29 -6.90 5.88
C HIS A 12 13.54 -5.71 4.96
N MET A 13 14.06 -4.58 5.47
CA MET A 13 14.27 -3.41 4.63
C MET A 13 15.75 -3.30 4.24
N ASP A 14 16.00 -3.14 2.94
CA ASP A 14 17.32 -2.80 2.42
C ASP A 14 17.14 -1.88 1.23
N SER A 15 16.84 -0.61 1.52
CA SER A 15 16.59 0.39 0.47
C SER A 15 17.90 0.80 -0.20
N SER A 16 19.03 0.42 0.40
CA SER A 16 20.35 0.90 -0.02
C SER A 16 20.79 0.34 -1.37
N THR A 17 20.12 -0.68 -1.90
CA THR A 17 20.49 -1.24 -3.18
C THR A 17 19.22 -1.50 -4.01
N SER A 18 19.33 -1.37 -5.34
CA SER A 18 18.21 -1.53 -6.24
C SER A 18 17.77 -2.99 -6.29
N ALA A 19 18.73 -3.90 -6.12
CA ALA A 19 18.52 -5.34 -6.23
C ALA A 19 19.55 -6.05 -5.35
N ALA A 20 19.63 -7.38 -5.46
CA ALA A 20 20.58 -8.16 -4.67
C ALA A 20 21.98 -7.82 -5.16
N SER A 21 22.89 -7.59 -4.22
CA SER A 21 24.23 -7.11 -4.51
C SER A 21 24.99 -8.16 -5.34
N SER A 22 24.70 -9.44 -5.07
CA SER A 22 25.54 -10.53 -5.55
C SER A 22 25.01 -11.86 -5.05
N SER A 23 25.60 -12.94 -5.59
CA SER A 23 25.44 -14.28 -5.05
C SER A 23 25.76 -14.30 -3.55
N ASN A 24 26.52 -13.29 -3.08
CA ASN A 24 27.00 -13.22 -1.71
C ASN A 24 25.99 -12.56 -0.76
N TYR A 25 25.02 -11.86 -1.34
CA TYR A 25 24.22 -10.88 -0.61
C TYR A 25 23.59 -11.44 0.67
N CYS A 26 22.97 -12.61 0.57
CA CYS A 26 22.25 -13.17 1.70
C CYS A 26 23.20 -13.57 2.83
N ASN A 27 24.32 -14.20 2.47
CA ASN A 27 25.27 -14.61 3.49
C ASN A 27 25.67 -13.40 4.34
N GLN A 28 25.92 -12.26 3.69
CA GLN A 28 26.36 -11.06 4.37
C GLN A 28 25.22 -10.41 5.17
N MET A 29 24.06 -10.23 4.53
CA MET A 29 22.97 -9.46 5.13
C MET A 29 22.32 -10.20 6.28
N MET A 30 22.12 -11.51 6.12
CA MET A 30 21.52 -12.31 7.17
C MET A 30 22.34 -12.25 8.47
N LYS A 31 23.68 -12.17 8.38
CA LYS A 31 24.49 -12.07 9.58
C LYS A 31 24.50 -10.64 10.14
N SER A 32 24.73 -9.66 9.27
CA SER A 32 24.82 -8.26 9.65
C SER A 32 23.50 -7.75 10.23
N ARG A 33 22.38 -8.26 9.73
CA ARG A 33 21.08 -7.87 10.27
C ARG A 33 20.70 -8.78 11.44
N ASN A 34 21.63 -9.65 11.85
CA ASN A 34 21.54 -10.42 13.08
C ASN A 34 20.48 -11.50 12.97
N LEU A 35 20.35 -12.09 11.79
CA LEU A 35 19.38 -13.15 11.56
C LEU A 35 20.01 -14.52 11.73
N THR A 36 21.30 -14.57 12.08
CA THR A 36 21.99 -15.84 12.24
C THR A 36 22.58 -15.98 13.65
N LYS A 37 21.87 -15.49 14.67
CA LYS A 37 22.46 -15.34 16.00
C LYS A 37 22.23 -16.60 16.83
N ASP A 38 20.96 -16.96 17.03
CA ASP A 38 20.57 -18.07 17.90
C ASP A 38 20.27 -19.31 17.07
N ARG A 39 20.19 -19.12 15.74
CA ARG A 39 19.95 -20.19 14.79
C ARG A 39 20.11 -19.60 13.39
N CYS A 40 20.10 -20.44 12.37
CA CYS A 40 19.99 -19.93 11.01
C CYS A 40 18.50 -19.72 10.73
N LYS A 41 18.08 -18.46 10.64
CA LYS A 41 16.74 -18.19 10.16
C LYS A 41 16.63 -18.83 8.78
N PRO A 42 15.76 -19.85 8.59
CA PRO A 42 15.70 -20.59 7.31
C PRO A 42 15.34 -19.80 6.04
N VAL A 43 14.42 -18.84 6.15
CA VAL A 43 13.99 -18.05 5.00
C VAL A 43 13.74 -16.62 5.44
N ASN A 44 14.19 -15.65 4.63
CA ASN A 44 13.99 -14.24 4.93
C ASN A 44 13.99 -13.42 3.64
N THR A 45 13.15 -12.39 3.58
CA THR A 45 13.09 -11.52 2.40
C THR A 45 13.47 -10.10 2.77
N PHE A 46 14.32 -9.47 1.93
CA PHE A 46 14.63 -8.05 1.96
C PHE A 46 13.95 -7.31 0.82
N VAL A 47 13.48 -6.10 1.13
CA VAL A 47 12.77 -5.24 0.20
C VAL A 47 13.65 -4.05 -0.17
N HIS A 48 13.84 -3.85 -1.48
CA HIS A 48 14.67 -2.78 -2.02
C HIS A 48 13.77 -1.69 -2.59
N GLU A 49 13.04 -1.08 -1.68
CA GLU A 49 12.14 0.02 -1.98
C GLU A 49 12.33 0.96 -0.80
N SER A 50 11.85 2.19 -0.92
CA SER A 50 11.94 3.13 0.19
C SER A 50 11.06 2.64 1.34
N LEU A 51 11.40 3.08 2.54
CA LEU A 51 10.58 2.80 3.71
C LEU A 51 9.16 3.35 3.54
N ALA A 52 9.04 4.55 2.95
CA ALA A 52 7.75 5.16 2.69
C ALA A 52 6.92 4.23 1.81
N ASP A 53 7.54 3.70 0.76
CA ASP A 53 6.81 2.87 -0.19
C ASP A 53 6.30 1.61 0.52
N VAL A 54 7.11 1.08 1.42
CA VAL A 54 6.74 -0.17 2.05
C VAL A 54 5.71 0.12 3.15
N GLN A 55 5.87 1.21 3.90
CA GLN A 55 4.89 1.61 4.89
C GLN A 55 3.52 1.85 4.24
N ALA A 56 3.53 2.35 3.00
CA ALA A 56 2.32 2.69 2.26
C ALA A 56 1.47 1.45 1.99
N VAL A 57 2.11 0.28 2.00
CA VAL A 57 1.43 -0.97 1.70
C VAL A 57 0.35 -1.21 2.75
N CYS A 58 0.52 -0.73 3.98
CA CYS A 58 -0.48 -0.87 5.02
C CYS A 58 -1.84 -0.23 4.69
N SER A 59 -1.88 0.61 3.63
N SER A 59 -1.92 0.61 3.64
CA SER A 59 -3.08 1.26 3.13
CA SER A 59 -3.18 1.17 3.18
C SER A 59 -3.55 0.68 1.79
C SER A 59 -3.55 0.69 1.77
N GLN A 60 -2.95 -0.43 1.34
CA GLN A 60 -3.18 -1.00 0.01
C GLN A 60 -4.14 -2.20 0.13
N LYS A 61 -3.91 -3.30 -0.60
CA LYS A 61 -4.92 -4.34 -0.77
C LYS A 61 -4.96 -5.21 0.48
N ASN A 62 -6.09 -5.19 1.21
CA ASN A 62 -6.25 -6.01 2.40
C ASN A 62 -6.44 -7.47 1.97
N VAL A 63 -5.63 -8.37 2.53
CA VAL A 63 -5.67 -9.78 2.21
C VAL A 63 -5.51 -10.60 3.50
N ALA A 64 -5.98 -11.85 3.50
CA ALA A 64 -5.79 -12.70 4.66
C ALA A 64 -4.30 -12.99 4.83
N CYS A 65 -3.84 -12.98 6.09
CA CYS A 65 -2.51 -13.45 6.41
C CYS A 65 -2.49 -14.98 6.39
N LYS A 66 -1.30 -15.53 6.22
CA LYS A 66 -1.13 -16.99 6.22
C LYS A 66 -1.58 -17.62 7.53
N ASN A 67 -1.44 -16.89 8.65
CA ASN A 67 -1.86 -17.40 9.95
C ASN A 67 -3.35 -17.18 10.21
N GLY A 68 -4.09 -16.58 9.28
CA GLY A 68 -5.52 -16.49 9.44
C GLY A 68 -5.99 -15.15 9.99
N GLN A 69 -5.07 -14.33 10.49
CA GLN A 69 -5.40 -12.96 10.87
C GLN A 69 -5.71 -12.16 9.59
N THR A 70 -6.35 -10.99 9.77
CA THR A 70 -6.91 -10.21 8.68
C THR A 70 -6.09 -8.95 8.40
N ASN A 71 -4.94 -8.79 9.06
CA ASN A 71 -4.23 -7.51 9.05
C ASN A 71 -3.08 -7.55 8.04
N CYS A 72 -3.27 -8.26 6.90
CA CYS A 72 -2.21 -8.32 5.92
C CYS A 72 -2.59 -7.49 4.69
N TYR A 73 -1.56 -6.97 4.00
CA TYR A 73 -1.76 -6.06 2.88
C TYR A 73 -0.79 -6.38 1.76
N GLN A 74 -1.32 -6.45 0.52
CA GLN A 74 -0.54 -6.76 -0.66
C GLN A 74 -0.29 -5.48 -1.47
N SER A 75 0.95 -5.29 -1.94
CA SER A 75 1.28 -4.12 -2.69
C SER A 75 0.56 -4.12 -4.04
N TYR A 76 0.07 -2.97 -4.48
CA TYR A 76 -0.55 -2.89 -5.80
C TYR A 76 0.50 -2.99 -6.89
N SER A 77 1.70 -2.48 -6.60
N SER A 77 1.70 -2.47 -6.60
CA SER A 77 2.80 -2.55 -7.56
CA SER A 77 2.83 -2.49 -7.51
C SER A 77 3.77 -3.66 -7.14
C SER A 77 3.77 -3.64 -7.13
N THR A 78 4.51 -4.18 -8.12
CA THR A 78 5.59 -5.10 -7.78
C THR A 78 6.71 -4.27 -7.13
N MET A 79 7.54 -4.97 -6.37
CA MET A 79 8.66 -4.37 -5.67
C MET A 79 9.89 -5.25 -5.83
N SER A 80 11.05 -4.59 -5.86
CA SER A 80 12.31 -5.31 -5.90
C SER A 80 12.57 -5.95 -4.55
N ILE A 81 12.73 -7.28 -4.53
CA ILE A 81 13.01 -8.00 -3.31
C ILE A 81 14.15 -8.99 -3.53
N THR A 82 14.67 -9.49 -2.42
CA THR A 82 15.62 -10.58 -2.45
C THR A 82 15.16 -11.62 -1.42
N ASP A 83 14.89 -12.83 -1.90
CA ASP A 83 14.67 -13.96 -1.02
C ASP A 83 16.01 -14.60 -0.65
N CYS A 84 16.18 -14.84 0.66
CA CYS A 84 17.28 -15.62 1.20
C CYS A 84 16.72 -16.94 1.74
N ARG A 85 17.27 -18.05 1.23
CA ARG A 85 16.86 -19.38 1.66
C ARG A 85 18.12 -20.16 2.03
N GLU A 86 18.10 -20.74 3.23
CA GLU A 86 19.21 -21.53 3.74
C GLU A 86 19.46 -22.72 2.81
N THR A 87 20.74 -23.01 2.53
CA THR A 87 21.13 -24.20 1.77
C THR A 87 20.98 -25.46 2.63
N GLY A 88 21.03 -26.62 1.98
CA GLY A 88 21.06 -27.90 2.66
C GLY A 88 22.42 -28.15 3.33
N SER A 89 23.44 -27.46 2.83
CA SER A 89 24.80 -27.55 3.34
C SER A 89 25.06 -26.58 4.50
N SER A 90 24.02 -25.84 4.91
CA SER A 90 24.15 -24.76 5.88
C SER A 90 24.26 -25.34 7.28
N LYS A 91 25.34 -24.98 7.99
CA LYS A 91 25.51 -25.45 9.36
C LYS A 91 25.90 -24.28 10.26
N TYR A 92 24.99 -23.99 11.18
CA TYR A 92 25.15 -22.99 12.22
C TYR A 92 26.41 -23.32 13.01
N PRO A 93 27.35 -22.36 13.20
CA PRO A 93 27.10 -20.94 12.96
C PRO A 93 27.47 -20.38 11.58
N ASN A 94 27.95 -21.24 10.68
CA ASN A 94 28.23 -20.82 9.31
C ASN A 94 26.95 -20.99 8.48
N CYS A 95 26.01 -20.04 8.67
CA CYS A 95 24.74 -20.10 7.96
C CYS A 95 24.95 -19.71 6.51
N ALA A 96 24.45 -20.55 5.60
CA ALA A 96 24.67 -20.41 4.18
C ALA A 96 23.33 -20.27 3.46
N TYR A 97 23.27 -19.34 2.50
CA TYR A 97 22.01 -18.88 1.93
C TYR A 97 22.11 -18.81 0.41
N LYS A 98 21.04 -19.23 -0.26
CA LYS A 98 20.81 -18.97 -1.67
C LYS A 98 20.09 -17.62 -1.80
N THR A 99 20.72 -16.68 -2.52
CA THR A 99 20.21 -15.35 -2.79
C THR A 99 19.41 -15.37 -4.10
N THR A 100 18.10 -15.08 -4.04
CA THR A 100 17.27 -14.98 -5.24
C THR A 100 16.62 -13.60 -5.32
N GLN A 101 16.86 -12.91 -6.43
CA GLN A 101 16.29 -11.59 -6.68
C GLN A 101 15.06 -11.76 -7.56
N ALA A 102 14.03 -10.95 -7.28
CA ALA A 102 12.79 -11.02 -8.02
C ALA A 102 12.06 -9.69 -7.89
N ASN A 103 11.09 -9.49 -8.79
CA ASN A 103 10.16 -8.37 -8.69
C ASN A 103 8.78 -8.96 -8.48
N LYS A 104 8.23 -8.76 -7.29
CA LYS A 104 7.00 -9.42 -6.90
C LYS A 104 6.19 -8.48 -6.02
N HIS A 105 4.88 -8.74 -5.94
CA HIS A 105 4.03 -8.04 -5.00
C HIS A 105 4.38 -8.53 -3.59
N ILE A 106 4.49 -7.62 -2.62
CA ILE A 106 4.78 -8.10 -1.27
C ILE A 106 3.50 -8.14 -0.44
N ILE A 107 3.48 -9.01 0.59
CA ILE A 107 2.39 -9.04 1.57
C ILE A 107 3.00 -8.85 2.95
N VAL A 108 2.56 -7.81 3.68
CA VAL A 108 3.04 -7.49 5.01
C VAL A 108 1.86 -7.44 5.97
N ALA A 109 2.11 -7.82 7.23
CA ALA A 109 1.18 -7.58 8.32
C ALA A 109 1.47 -6.23 8.93
N CYS A 110 0.41 -5.50 9.24
CA CYS A 110 0.55 -4.16 9.80
C CYS A 110 -0.17 -4.08 11.14
N GLU A 111 0.36 -3.30 12.06
CA GLU A 111 -0.15 -3.17 13.42
C GLU A 111 0.21 -1.78 13.94
N GLY A 112 -0.54 -1.29 14.91
CA GLY A 112 -0.08 -0.19 15.76
C GLY A 112 -0.73 1.14 15.40
N ASN A 113 -0.39 2.16 16.21
N ASN A 113 -0.40 2.16 16.20
CA ASN A 113 -0.71 3.53 15.87
CA ASN A 113 -0.72 3.54 15.83
C ASN A 113 0.59 4.34 16.00
C ASN A 113 0.57 4.35 15.99
N PRO A 114 1.27 4.74 14.89
CA PRO A 114 0.74 4.61 13.54
C PRO A 114 0.78 3.18 12.99
N TYR A 115 -0.03 2.94 11.96
CA TYR A 115 -0.22 1.60 11.40
C TYR A 115 0.92 1.29 10.45
N VAL A 116 1.80 0.37 10.85
CA VAL A 116 3.04 0.17 10.11
C VAL A 116 3.32 -1.30 9.93
N PRO A 117 4.20 -1.67 8.97
CA PRO A 117 4.57 -3.07 8.77
C PRO A 117 5.31 -3.62 9.99
N VAL A 118 4.89 -4.80 10.44
CA VAL A 118 5.52 -5.51 11.54
C VAL A 118 5.95 -6.94 11.17
N HIS A 119 5.49 -7.47 10.03
N HIS A 119 5.43 -7.50 10.07
CA HIS A 119 5.82 -8.84 9.65
CA HIS A 119 5.89 -8.81 9.64
C HIS A 119 5.76 -8.96 8.13
C HIS A 119 5.87 -8.84 8.11
N PHE A 120 6.69 -9.71 7.54
CA PHE A 120 6.66 -9.98 6.10
C PHE A 120 5.99 -11.32 5.90
N ASP A 121 4.84 -11.37 5.23
CA ASP A 121 4.05 -12.59 5.20
C ASP A 121 4.40 -13.46 3.99
N ALA A 122 4.57 -12.83 2.83
CA ALA A 122 4.64 -13.54 1.56
C ALA A 122 4.99 -12.56 0.46
N SER A 123 5.46 -13.13 -0.66
CA SER A 123 5.46 -12.41 -1.91
C SER A 123 4.67 -13.22 -2.91
N VAL A 124 4.12 -12.53 -3.92
CA VAL A 124 3.32 -13.22 -4.92
C VAL A 124 3.58 -12.63 -6.32
N LYS B 1 -9.82 -11.20 -11.20
CA LYS B 1 -10.37 -9.92 -11.72
C LYS B 1 -10.71 -9.02 -10.53
N GLU B 2 -10.17 -7.81 -10.53
CA GLU B 2 -10.41 -6.85 -9.45
C GLU B 2 -11.88 -6.53 -9.35
N THR B 3 -12.46 -6.63 -8.15
CA THR B 3 -13.85 -6.27 -7.93
C THR B 3 -13.96 -4.74 -8.01
N ALA B 4 -15.19 -4.26 -8.22
CA ALA B 4 -15.46 -2.83 -8.21
C ALA B 4 -15.09 -2.25 -6.84
N ALA B 5 -15.40 -2.98 -5.76
CA ALA B 5 -15.13 -2.49 -4.42
C ALA B 5 -13.63 -2.34 -4.20
N ALA B 6 -12.87 -3.33 -4.67
CA ALA B 6 -11.42 -3.32 -4.52
C ALA B 6 -10.80 -2.20 -5.35
N LYS B 7 -11.33 -1.99 -6.55
CA LYS B 7 -10.87 -0.91 -7.40
C LYS B 7 -11.11 0.43 -6.70
N PHE B 8 -12.23 0.59 -6.00
CA PHE B 8 -12.51 1.84 -5.31
C PHE B 8 -11.47 2.02 -4.19
N GLU B 9 -11.10 0.95 -3.50
CA GLU B 9 -10.16 1.10 -2.42
C GLU B 9 -8.80 1.43 -3.00
N ARG B 10 -8.46 0.85 -4.15
CA ARG B 10 -7.16 1.11 -4.75
C ARG B 10 -7.07 2.58 -5.22
N GLN B 11 -8.14 3.03 -5.88
CA GLN B 11 -8.15 4.36 -6.45
C GLN B 11 -8.36 5.46 -5.43
N HIS B 12 -9.11 5.18 -4.35
CA HIS B 12 -9.66 6.28 -3.58
C HIS B 12 -9.38 6.21 -2.08
N MET B 13 -8.93 5.07 -1.54
CA MET B 13 -8.70 4.96 -0.11
C MET B 13 -7.22 5.13 0.21
N ASP B 14 -6.94 6.03 1.16
CA ASP B 14 -5.62 6.11 1.80
C ASP B 14 -5.83 6.55 3.24
N SER B 15 -6.18 5.58 4.08
CA SER B 15 -6.56 5.88 5.46
C SER B 15 -5.36 6.32 6.31
N SER B 16 -4.16 5.78 6.03
CA SER B 16 -2.99 5.96 6.87
C SER B 16 -2.94 7.36 7.47
N THR B 17 -2.58 8.35 6.65
CA THR B 17 -2.29 9.69 7.13
C THR B 17 -3.60 10.44 7.41
N SER B 18 -3.49 11.52 8.18
CA SER B 18 -4.62 12.41 8.40
C SER B 18 -4.87 13.27 7.15
N ALA B 19 -3.82 13.45 6.33
CA ALA B 19 -3.86 14.34 5.18
C ALA B 19 -2.73 13.99 4.22
N ALA B 20 -2.68 14.70 3.08
CA ALA B 20 -1.63 14.52 2.08
C ALA B 20 -0.30 15.07 2.62
N SER B 21 0.75 14.23 2.55
CA SER B 21 2.06 14.57 3.08
C SER B 21 2.63 15.81 2.39
N SER B 22 3.38 15.59 1.30
CA SER B 22 4.13 16.66 0.64
C SER B 22 3.42 17.11 -0.62
N SER B 23 3.95 18.18 -1.23
CA SER B 23 3.49 18.64 -2.53
C SER B 23 3.63 17.53 -3.57
N ASN B 24 4.38 16.48 -3.21
CA ASN B 24 4.67 15.35 -4.08
C ASN B 24 3.73 14.18 -3.78
N TYR B 25 2.78 14.34 -2.85
CA TYR B 25 1.90 13.23 -2.50
C TYR B 25 1.26 12.61 -3.74
N CYS B 26 0.63 13.44 -4.58
CA CYS B 26 -0.12 12.92 -5.72
C CYS B 26 0.77 12.22 -6.75
N ASN B 27 1.94 12.81 -7.05
CA ASN B 27 2.88 12.18 -7.95
C ASN B 27 3.17 10.75 -7.51
N GLN B 28 3.47 10.57 -6.22
CA GLN B 28 3.79 9.27 -5.64
C GLN B 28 2.56 8.36 -5.57
N MET B 29 1.46 8.89 -5.05
CA MET B 29 0.25 8.09 -4.89
C MET B 29 -0.33 7.65 -6.23
N MET B 30 -0.38 8.54 -7.22
CA MET B 30 -0.93 8.18 -8.52
C MET B 30 -0.12 7.05 -9.17
N LYS B 31 1.20 7.04 -8.95
CA LYS B 31 2.05 5.96 -9.48
C LYS B 31 1.80 4.65 -8.74
N SER B 32 1.77 4.70 -7.40
CA SER B 32 1.77 3.50 -6.57
C SER B 32 0.42 2.79 -6.61
N ARG B 33 -0.62 3.51 -7.06
CA ARG B 33 -1.96 2.94 -7.15
C ARG B 33 -2.27 2.51 -8.57
N ASN B 34 -1.25 2.53 -9.45
CA ASN B 34 -1.35 2.03 -10.82
C ASN B 34 -2.27 2.93 -11.64
N LEU B 35 -2.28 4.23 -11.31
CA LEU B 35 -3.09 5.20 -12.04
C LEU B 35 -2.28 6.01 -13.05
N THR B 36 -1.00 5.64 -13.26
CA THR B 36 -0.19 6.27 -14.32
C THR B 36 0.41 5.23 -15.26
N LYS B 37 -0.24 4.08 -15.46
CA LYS B 37 0.37 2.98 -16.18
C LYS B 37 0.27 3.18 -17.69
N ASP B 38 -0.95 3.12 -18.24
CA ASP B 38 -1.12 3.28 -19.68
C ASP B 38 -1.07 4.77 -20.02
N ARG B 39 -1.74 5.57 -19.18
CA ARG B 39 -1.98 6.99 -19.40
C ARG B 39 -1.93 7.66 -18.04
N CYS B 40 -1.83 8.99 -18.01
CA CYS B 40 -1.92 9.74 -16.75
C CYS B 40 -3.40 9.92 -16.41
N LYS B 41 -3.91 9.23 -15.39
CA LYS B 41 -5.28 9.47 -14.97
C LYS B 41 -5.38 10.95 -14.58
N PRO B 42 -6.22 11.77 -15.24
CA PRO B 42 -6.12 13.22 -15.03
C PRO B 42 -6.54 13.78 -13.67
N VAL B 43 -7.65 13.29 -13.13
N VAL B 43 -7.60 13.21 -13.08
CA VAL B 43 -8.10 13.72 -11.82
CA VAL B 43 -8.20 13.70 -11.85
C VAL B 43 -8.29 12.47 -10.97
C VAL B 43 -8.54 12.53 -10.94
N ASN B 44 -8.13 12.61 -9.67
CA ASN B 44 -8.40 11.52 -8.74
C ASN B 44 -8.40 12.04 -7.32
N THR B 45 -9.35 11.59 -6.51
CA THR B 45 -9.46 11.97 -5.12
C THR B 45 -9.12 10.77 -4.24
N PHE B 46 -8.31 11.05 -3.21
CA PHE B 46 -8.00 10.12 -2.13
C PHE B 46 -8.70 10.57 -0.86
N VAL B 47 -9.28 9.59 -0.14
CA VAL B 47 -9.98 9.83 1.10
C VAL B 47 -9.14 9.31 2.27
N HIS B 48 -9.03 10.16 3.31
CA HIS B 48 -8.23 9.87 4.49
C HIS B 48 -9.12 9.77 5.71
N GLU B 49 -10.10 8.89 5.61
CA GLU B 49 -10.85 8.46 6.76
C GLU B 49 -10.65 6.96 6.79
N SER B 50 -11.10 6.32 7.87
CA SER B 50 -11.07 4.87 7.91
C SER B 50 -11.98 4.29 6.84
N LEU B 51 -11.65 3.07 6.41
CA LEU B 51 -12.49 2.33 5.48
C LEU B 51 -13.87 2.16 6.08
N ALA B 52 -13.96 1.88 7.38
CA ALA B 52 -15.29 1.74 7.98
C ALA B 52 -16.14 3.01 7.85
N ASP B 53 -15.56 4.18 8.11
CA ASP B 53 -16.28 5.45 7.98
C ASP B 53 -16.68 5.76 6.53
N VAL B 54 -15.82 5.44 5.58
CA VAL B 54 -16.21 5.60 4.18
C VAL B 54 -17.32 4.60 3.80
N GLN B 55 -17.23 3.32 4.22
CA GLN B 55 -18.27 2.36 3.90
C GLN B 55 -19.63 2.76 4.49
N ALA B 56 -19.59 3.43 5.65
CA ALA B 56 -20.77 3.92 6.35
C ALA B 56 -21.54 4.94 5.52
N VAL B 57 -20.87 5.59 4.58
CA VAL B 57 -21.53 6.57 3.73
C VAL B 57 -22.69 5.93 2.97
N CYS B 58 -22.60 4.62 2.70
CA CYS B 58 -23.64 3.88 2.02
C CYS B 58 -24.96 3.82 2.82
N SER B 59 -24.94 4.26 4.09
N SER B 59 -24.96 4.28 4.06
CA SER B 59 -26.15 4.32 4.91
CA SER B 59 -26.20 4.32 4.84
C SER B 59 -26.50 5.75 5.31
C SER B 59 -26.54 5.75 5.27
N GLN B 60 -25.94 6.73 4.59
CA GLN B 60 -26.23 8.16 4.85
C GLN B 60 -27.16 8.77 3.77
N LYS B 61 -26.80 9.95 3.25
CA LYS B 61 -27.80 10.70 2.51
C LYS B 61 -27.88 10.18 1.08
N ASN B 62 -29.01 9.57 0.72
CA ASN B 62 -29.22 9.10 -0.64
C ASN B 62 -29.43 10.28 -1.60
N VAL B 63 -28.64 10.30 -2.70
CA VAL B 63 -28.67 11.34 -3.73
C VAL B 63 -28.56 10.66 -5.09
N ALA B 64 -28.94 11.36 -6.15
CA ALA B 64 -28.66 10.88 -7.49
C ALA B 64 -27.18 10.98 -7.78
N CYS B 65 -26.69 10.05 -8.62
CA CYS B 65 -25.34 10.04 -9.13
C CYS B 65 -25.30 10.91 -10.37
N LYS B 66 -24.11 11.27 -10.80
CA LYS B 66 -23.92 12.13 -11.96
C LYS B 66 -24.52 11.49 -13.21
N ASN B 67 -24.50 10.16 -13.27
CA ASN B 67 -24.96 9.46 -14.46
C ASN B 67 -26.45 9.14 -14.39
N GLY B 68 -27.14 9.62 -13.36
CA GLY B 68 -28.57 9.41 -13.24
C GLY B 68 -29.00 8.18 -12.44
N GLN B 69 -28.08 7.27 -12.06
CA GLN B 69 -28.43 6.20 -11.14
C GLN B 69 -28.81 6.79 -9.77
N THR B 70 -29.52 5.99 -8.97
CA THR B 70 -30.07 6.41 -7.69
C THR B 70 -29.39 5.76 -6.49
N ASN B 71 -28.28 5.06 -6.68
CA ASN B 71 -27.56 4.39 -5.60
C ASN B 71 -26.35 5.18 -5.15
N CYS B 72 -26.46 6.53 -5.14
CA CYS B 72 -25.40 7.37 -4.62
C CYS B 72 -25.78 7.92 -3.26
N TYR B 73 -24.72 8.20 -2.50
CA TYR B 73 -24.82 8.58 -1.10
C TYR B 73 -23.80 9.67 -0.82
N GLN B 74 -24.29 10.73 -0.18
CA GLN B 74 -23.45 11.79 0.30
C GLN B 74 -23.16 11.61 1.80
N SER B 75 -21.88 11.73 2.15
CA SER B 75 -21.45 11.69 3.54
C SER B 75 -22.12 12.82 4.32
N TYR B 76 -22.68 12.48 5.49
CA TYR B 76 -23.28 13.47 6.34
C TYR B 76 -22.22 14.45 6.84
N SER B 77 -21.02 13.96 7.10
CA SER B 77 -19.91 14.72 7.63
C SER B 77 -18.97 15.08 6.49
N THR B 78 -18.19 16.14 6.71
CA THR B 78 -17.00 16.37 5.92
C THR B 78 -15.96 15.30 6.24
N MET B 79 -15.08 15.05 5.27
CA MET B 79 -13.98 14.11 5.35
C MET B 79 -12.71 14.74 4.81
N SER B 80 -11.60 14.35 5.42
CA SER B 80 -10.27 14.64 4.92
C SER B 80 -10.01 13.94 3.58
N ILE B 81 -9.81 14.74 2.54
CA ILE B 81 -9.48 14.25 1.22
C ILE B 81 -8.27 14.99 0.65
N THR B 82 -7.69 14.39 -0.38
CA THR B 82 -6.71 15.02 -1.25
C THR B 82 -7.22 14.95 -2.68
N ASP B 83 -7.28 16.10 -3.34
CA ASP B 83 -7.56 16.13 -4.77
C ASP B 83 -6.24 16.09 -5.55
N CYS B 84 -6.15 15.20 -6.53
CA CYS B 84 -5.01 15.11 -7.44
C CYS B 84 -5.45 15.54 -8.83
N ARG B 85 -4.81 16.57 -9.39
CA ARG B 85 -5.18 16.98 -10.73
C ARG B 85 -3.93 17.17 -11.57
N GLU B 86 -3.94 16.59 -12.76
CA GLU B 86 -2.77 16.65 -13.62
C GLU B 86 -2.50 18.11 -13.98
N THR B 87 -1.20 18.47 -14.03
CA THR B 87 -0.79 19.81 -14.38
C THR B 87 -1.08 20.01 -15.87
N GLY B 88 -1.08 21.27 -16.31
CA GLY B 88 -1.32 21.59 -17.71
C GLY B 88 -0.22 21.07 -18.64
N SER B 89 1.02 20.94 -18.14
CA SER B 89 2.13 20.54 -18.98
C SER B 89 2.53 19.08 -18.71
N SER B 90 1.63 18.28 -18.13
CA SER B 90 1.93 16.89 -17.81
C SER B 90 1.76 16.06 -19.07
N LYS B 91 2.73 15.17 -19.34
CA LYS B 91 2.70 14.33 -20.52
C LYS B 91 3.31 12.99 -20.15
N TYR B 92 2.47 11.96 -20.24
CA TYR B 92 2.90 10.58 -20.04
C TYR B 92 4.17 10.32 -20.84
N PRO B 93 5.16 9.54 -20.33
CA PRO B 93 5.03 8.78 -19.09
C PRO B 93 5.62 9.42 -17.84
N ASN B 94 5.76 10.76 -17.85
CA ASN B 94 6.20 11.50 -16.68
C ASN B 94 5.01 12.30 -16.16
N CYS B 95 4.07 11.58 -15.53
CA CYS B 95 2.81 12.15 -15.08
C CYS B 95 3.05 13.06 -13.88
N ALA B 96 2.54 14.31 -13.95
CA ALA B 96 2.78 15.30 -12.92
C ALA B 96 1.44 15.81 -12.41
N TYR B 97 1.32 15.94 -11.10
CA TYR B 97 0.04 16.28 -10.49
C TYR B 97 0.25 17.42 -9.51
N LYS B 98 -0.77 18.25 -9.34
N LYS B 98 -0.83 18.18 -9.32
CA LYS B 98 -0.82 19.11 -8.17
CA LYS B 98 -0.96 19.13 -8.23
C LYS B 98 -1.65 18.40 -7.10
C LYS B 98 -1.73 18.46 -7.08
N THR B 99 -1.17 18.51 -5.86
CA THR B 99 -1.85 18.05 -4.66
C THR B 99 -2.60 19.19 -4.01
N THR B 100 -3.89 18.96 -3.70
CA THR B 100 -4.68 19.89 -2.91
C THR B 100 -5.37 19.09 -1.80
N GLN B 101 -5.11 19.48 -0.54
CA GLN B 101 -5.80 18.93 0.61
C GLN B 101 -7.13 19.67 0.77
N ALA B 102 -8.14 18.93 1.24
CA ALA B 102 -9.40 19.59 1.51
C ALA B 102 -10.17 18.80 2.55
N ASN B 103 -11.22 19.41 3.07
CA ASN B 103 -12.18 18.74 3.94
C ASN B 103 -13.55 18.93 3.33
N LYS B 104 -14.16 17.86 2.82
CA LYS B 104 -15.41 18.02 2.08
C LYS B 104 -16.27 16.77 2.22
N HIS B 105 -17.56 16.92 1.95
CA HIS B 105 -18.43 15.78 1.85
C HIS B 105 -18.06 15.02 0.58
N ILE B 106 -18.19 13.69 0.64
CA ILE B 106 -17.95 12.84 -0.52
C ILE B 106 -19.29 12.25 -0.95
N ILE B 107 -19.40 11.96 -2.26
CA ILE B 107 -20.54 11.27 -2.85
C ILE B 107 -20.00 10.03 -3.56
N VAL B 108 -20.55 8.87 -3.19
CA VAL B 108 -20.09 7.60 -3.71
C VAL B 108 -21.31 6.81 -4.13
N ALA B 109 -21.10 5.96 -5.12
CA ALA B 109 -22.09 4.98 -5.56
C ALA B 109 -21.84 3.72 -4.75
N CYS B 110 -22.91 3.13 -4.21
CA CYS B 110 -22.75 1.90 -3.44
C CYS B 110 -23.47 0.74 -4.10
N GLU B 111 -22.85 -0.44 -4.01
CA GLU B 111 -23.42 -1.61 -4.60
C GLU B 111 -22.88 -2.85 -3.92
N GLY B 112 -23.63 -3.95 -4.09
CA GLY B 112 -23.15 -5.28 -3.77
C GLY B 112 -23.40 -5.68 -2.32
N ASN B 113 -22.91 -6.88 -1.97
CA ASN B 113 -23.07 -7.44 -0.65
C ASN B 113 -21.69 -7.90 -0.18
N PRO B 114 -21.02 -7.22 0.77
CA PRO B 114 -21.56 -6.09 1.52
C PRO B 114 -21.77 -4.86 0.64
N TYR B 115 -22.65 -3.98 1.09
CA TYR B 115 -23.02 -2.80 0.30
C TYR B 115 -22.05 -1.69 0.59
N VAL B 116 -21.13 -1.48 -0.36
CA VAL B 116 -19.92 -0.71 -0.14
C VAL B 116 -19.68 0.20 -1.34
N PRO B 117 -18.83 1.24 -1.21
CA PRO B 117 -18.59 2.13 -2.36
C PRO B 117 -17.93 1.42 -3.53
N VAL B 118 -18.43 1.70 -4.75
CA VAL B 118 -17.85 1.16 -5.97
C VAL B 118 -17.40 2.29 -6.93
N HIS B 119 -17.77 3.55 -6.64
N HIS B 119 -17.84 3.54 -6.69
CA HIS B 119 -17.47 4.67 -7.51
CA HIS B 119 -17.47 4.66 -7.55
C HIS B 119 -17.40 5.91 -6.63
C HIS B 119 -17.46 5.94 -6.73
N PHE B 120 -16.42 6.77 -6.92
CA PHE B 120 -16.33 8.10 -6.35
C PHE B 120 -16.98 9.09 -7.31
N ASP B 121 -18.10 9.69 -6.90
CA ASP B 121 -18.91 10.50 -7.79
C ASP B 121 -18.38 11.92 -7.73
N ALA B 122 -18.20 12.48 -6.53
CA ALA B 122 -17.79 13.87 -6.38
C ALA B 122 -17.46 14.15 -4.93
N SER B 123 -16.72 15.25 -4.69
CA SER B 123 -16.71 15.92 -3.39
C SER B 123 -17.47 17.23 -3.48
N VAL B 124 -18.06 17.67 -2.36
CA VAL B 124 -18.88 18.87 -2.31
C VAL B 124 -18.62 19.65 -0.99
S SO4 C . 8.84 -11.59 10.50
O1 SO4 C . 8.27 -11.32 9.21
O2 SO4 C . 10.27 -11.73 10.38
O3 SO4 C . 8.53 -10.51 11.41
O4 SO4 C . 8.30 -12.81 11.00
C12 A1IQW D . -1.12 -10.73 -16.44
C11 A1IQW D . -0.16 -11.68 -16.79
C10 A1IQW D . 0.98 -11.79 -16.03
C13 A1IQW D . -0.94 -9.93 -15.36
C7 A1IQW D . 0.18 -9.86 -12.28
C5 A1IQW D . 3.77 -8.90 -12.35
C9 A1IQW D . 1.16 -10.99 -14.93
C8 A1IQW D . 0.26 -10.05 -14.59
N1 A1IQW D . 0.47 -9.23 -13.40
N2 A1IQW D . 0.32 -9.30 -11.08
O1 A1IQW D . -0.23 -6.48 -12.95
O2 A1IQW D . 0.00 -6.28 -10.75
RU1 A1IQW D . 1.51 -7.49 -13.30
RU2 A1IQW D . 1.50 -7.65 -11.00
O6 A1IQW D . 3.15 -8.80 -11.24
O5 A1IQW D . 3.25 -8.52 -13.44
O3 A1IQW D . 2.64 -5.78 -13.07
O4 A1IQW D . 2.65 -5.96 -11.16
C20 A1IQW D . 0.57 -11.31 -9.74
C15 A1IQW D . -0.03 -10.08 -9.97
O8 A1IQW D . 5.17 -9.49 -12.37
C16 A1IQW D . -0.97 -9.58 -9.06
C17 A1IQW D . -1.30 -10.31 -7.96
F2 A1IQW D . -0.34 -12.53 -17.92
C18 A1IQW D . -0.73 -11.55 -7.73
C19 A1IQW D . 0.21 -12.06 -8.60
F1 A1IQW D . -1.08 -12.35 -6.59
O1 A1IQW E . 10.68 4.35 10.95
O2 A1IQW E . 12.44 5.47 9.65
RU1 A1IQW E . 12.13 3.37 12.00
RU2 A1IQW E . 13.72 4.13 10.51
O6 A1IQW E . 15.06 2.89 11.41
O5 A1IQW E . 13.62 2.40 13.02
O3 A1IQW E . 12.51 5.02 13.17
O4 A1IQW E . 14.29 5.60 11.84
RU1 A1IQW F . 7.27 -13.38 14.20
RU2 A1IQW F . 6.47 -12.55 12.20
C12 A1IQW G . -24.02 26.45 5.55
C11 A1IQW G . -22.95 27.35 5.42
C10 A1IQW G . -21.67 26.85 5.33
C13 A1IQW G . -23.79 25.11 5.61
C7 A1IQW G . -22.46 22.58 4.47
C3 A1IQW G . -20.25 19.85 8.45
C4 A1IQW G . -19.83 18.96 9.56
C5 A1IQW G . -23.73 20.28 7.00
C9 A1IQW G . -21.44 25.50 5.40
C8 A1IQW G . -22.45 24.62 5.54
N1 A1IQW G . -22.20 23.19 5.60
N2 A1IQW G . -22.25 21.28 4.32
O1 A1IQW G . -19.67 22.77 6.57
O2 A1IQW G . -19.39 21.13 5.11
RU1 A1IQW G . -21.50 22.09 7.17
RU2 A1IQW G . -21.14 20.31 5.74
O6 A1IQW G . -22.90 19.53 6.39
O5 A1IQW G . -23.33 21.30 7.62
O3 A1IQW G . -20.61 21.02 8.69
O4 A1IQW G . -20.21 19.35 7.29
C20 A1IQW G . -21.96 21.04 1.91
C15 A1IQW G . -22.60 20.70 3.10
O8 A1IQW G . -25.20 19.89 6.87
C16 A1IQW G . -23.59 19.72 3.14
C17 A1IQW G . -23.98 19.09 2.00
F2 A1IQW G . -23.20 28.75 5.36
C18 A1IQW G . -23.38 19.42 0.80
C19 A1IQW G . -22.37 20.37 0.74
F1 A1IQW G . -23.77 18.76 -0.42
C5 A1IQW H . -14.58 5.64 -9.68
RU1 A1IQW H . -14.25 5.27 -12.47
RU2 A1IQW H . -16.38 4.79 -11.73
O6 A1IQW H . -15.65 4.95 -9.85
O5 A1IQW H . -13.80 5.96 -10.61
O3 A1IQW H . -11.93 6.19 -13.25
O8 A1IQW H . -14.32 6.08 -8.26
#